data_2CU2
#
_entry.id   2CU2
#
_cell.length_a   84.128
_cell.length_b   91.185
_cell.length_c   118.633
_cell.angle_alpha   90.00
_cell.angle_beta   90.00
_cell.angle_gamma   90.00
#
_symmetry.space_group_name_H-M   'I 2 2 2'
#
loop_
_entity.id
_entity.type
_entity.pdbx_description
1 polymer 'putative mannose-1-phosphate guanylyl transferase'
2 non-polymer 'SULFATE ION'
3 water water
#
_entity_poly.entity_id   1
_entity_poly.type   'polypeptide(L)'
_entity_poly.pdbx_seq_one_letter_code
;MKTYALVMAGGRGERLWPLSREDRPKPFLPLFEGKTLLEATLERLAPLVPPERTLLAVRRDQEAVARPYADGIRLLLEPL
GRDTAGAVLLGVAEALKEGAERLLVLPADHYVGDDEAYREALATMLEAAEEGFVVALGLRPTRPETEYGYIRLGPREGAW
YRGEGFVEKPSYAEALEYIRKGYVWNGGVFAFAPATMAELFRRHLPSHHEALERLLAGASLEEVYAGLPKISIDYGVMEK
AERVRVVLGRFPWDDVGNWRALERVFSQDPHENVVLGEGRHVALDTFGCVVYADRGVVATLGVSGLVVAKVGDEVLVVPK
DWAREVREVVKRLEAQE
;
_entity_poly.pdbx_strand_id   A
#
# COMPACT_ATOMS: atom_id res chain seq x y z
N MET A 1 -17.32 -16.80 -4.53
CA MET A 1 -17.78 -16.39 -5.85
C MET A 1 -16.61 -16.05 -6.77
N LYS A 2 -16.97 -15.60 -7.99
CA LYS A 2 -15.93 -15.10 -8.89
C LYS A 2 -15.43 -13.73 -8.43
N THR A 3 -14.25 -13.80 -7.82
CA THR A 3 -13.59 -12.62 -7.28
C THR A 3 -12.30 -12.30 -8.02
N TYR A 4 -12.15 -11.03 -8.38
CA TYR A 4 -10.93 -10.58 -9.04
C TYR A 4 -10.18 -9.75 -8.01
N ALA A 5 -8.87 -9.65 -8.19
CA ALA A 5 -8.05 -8.89 -7.27
C ALA A 5 -7.21 -7.88 -8.04
N LEU A 6 -7.24 -6.63 -7.60
CA LEU A 6 -6.45 -5.58 -8.22
C LEU A 6 -5.30 -5.27 -7.28
N VAL A 7 -4.08 -5.52 -7.73
CA VAL A 7 -2.88 -5.21 -6.95
C VAL A 7 -2.19 -3.95 -7.47
N MET A 8 -2.31 -2.88 -6.68
CA MET A 8 -1.75 -1.60 -7.12
C MET A 8 -0.27 -1.47 -6.75
N ALA A 9 0.57 -1.45 -7.81
CA ALA A 9 1.99 -1.24 -7.59
C ALA A 9 2.41 0.17 -7.98
N GLY A 10 2.90 0.92 -6.99
CA GLY A 10 3.29 2.31 -7.25
C GLY A 10 4.17 2.87 -6.14
N GLY A 11 4.43 4.19 -6.24
CA GLY A 11 5.29 4.84 -5.26
C GLY A 11 6.74 4.87 -5.70
N ARG A 12 7.39 6.01 -5.89
CA ARG A 12 8.82 6.10 -6.12
C ARG A 12 9.61 5.62 -4.90
N GLY A 13 9.06 5.89 -3.72
CA GLY A 13 9.74 5.49 -2.49
C GLY A 13 11.03 6.28 -2.34
N GLU A 14 10.94 7.60 -2.52
CA GLU A 14 12.12 8.46 -2.41
C GLU A 14 12.65 8.46 -0.99
N ARG A 15 11.77 8.23 -0.03
CA ARG A 15 12.20 8.19 1.36
C ARG A 15 13.03 6.96 1.61
N LEU A 16 13.02 6.02 0.67
CA LEU A 16 13.83 4.81 0.83
C LEU A 16 15.12 4.82 0.01
N TRP A 17 15.58 6.02 -0.34
CA TRP A 17 16.85 6.17 -1.07
C TRP A 17 17.90 5.72 -0.05
N PRO A 18 19.01 5.11 -0.51
CA PRO A 18 19.45 4.77 -1.86
C PRO A 18 18.90 3.45 -2.42
N LEU A 19 18.10 2.74 -1.65
CA LEU A 19 17.56 1.47 -2.12
C LEU A 19 16.64 1.64 -3.31
N SER A 20 15.78 2.66 -3.26
CA SER A 20 14.89 2.91 -4.39
C SER A 20 15.62 3.55 -5.57
N ARG A 21 15.07 3.26 -6.77
CA ARG A 21 15.69 3.68 -8.01
C ARG A 21 14.66 4.33 -8.94
N GLU A 22 15.15 5.04 -9.98
CA GLU A 22 14.23 5.56 -10.99
C GLU A 22 13.45 4.44 -11.65
N ASP A 23 14.17 3.39 -12.04
CA ASP A 23 13.52 2.28 -12.73
C ASP A 23 13.14 1.17 -11.75
N ARG A 24 13.23 1.51 -10.45
CA ARG A 24 12.88 0.54 -9.42
C ARG A 24 12.05 1.19 -8.31
N PRO A 25 10.73 1.18 -8.51
CA PRO A 25 9.79 1.72 -7.55
C PRO A 25 9.75 0.90 -6.26
N LYS A 26 9.08 1.47 -5.24
CA LYS A 26 9.12 0.88 -3.90
C LYS A 26 8.80 -0.62 -3.89
N PRO A 27 7.72 -0.99 -4.60
CA PRO A 27 7.20 -2.36 -4.57
C PRO A 27 8.24 -3.39 -5.04
N PHE A 28 9.28 -2.89 -5.74
CA PHE A 28 10.25 -3.81 -6.31
C PHE A 28 11.59 -3.85 -5.57
N LEU A 29 11.54 -3.44 -4.28
CA LEU A 29 12.78 -3.42 -3.49
C LEU A 29 12.96 -4.63 -2.59
N PRO A 30 14.16 -5.24 -2.61
CA PRO A 30 14.44 -6.41 -1.78
C PRO A 30 14.62 -6.02 -0.32
N LEU A 31 13.54 -6.24 0.47
CA LEU A 31 13.55 -5.75 1.86
C LEU A 31 13.55 -6.89 2.88
N PHE A 32 12.34 -7.23 3.38
CA PHE A 32 12.21 -8.22 4.44
C PHE A 32 12.37 -9.65 3.93
N GLU A 33 13.26 -10.44 4.56
CA GLU A 33 13.50 -11.81 4.08
C GLU A 33 14.16 -11.82 2.70
N GLY A 34 14.59 -10.65 2.24
CA GLY A 34 15.24 -10.55 0.92
C GLY A 34 14.21 -10.47 -0.21
N LYS A 35 12.93 -10.43 0.19
CA LYS A 35 11.80 -10.42 -0.73
C LYS A 35 11.42 -8.99 -1.13
N THR A 36 10.97 -8.77 -2.39
CA THR A 36 10.29 -7.51 -2.64
C THR A 36 8.89 -7.50 -2.03
N LEU A 37 8.35 -6.33 -1.70
CA LEU A 37 7.04 -6.30 -1.08
C LEU A 37 5.96 -6.84 -2.03
N LEU A 38 6.14 -6.63 -3.33
CA LEU A 38 5.16 -7.13 -4.30
C LEU A 38 5.21 -8.64 -4.27
N GLU A 39 6.41 -9.19 -4.17
CA GLU A 39 6.61 -10.62 -4.12
C GLU A 39 5.84 -11.25 -2.95
N ALA A 40 6.01 -10.68 -1.75
CA ALA A 40 5.34 -11.18 -0.56
C ALA A 40 3.82 -11.01 -0.69
N THR A 41 3.40 -9.94 -1.35
CA THR A 41 1.98 -9.65 -1.53
C THR A 41 1.31 -10.71 -2.42
N LEU A 42 1.93 -11.00 -3.55
CA LEU A 42 1.37 -11.99 -4.48
C LEU A 42 1.30 -13.38 -3.84
N GLU A 43 2.33 -13.74 -3.09
CA GLU A 43 2.39 -15.04 -2.43
C GLU A 43 1.28 -15.17 -1.39
N ARG A 44 1.07 -14.07 -0.67
CA ARG A 44 0.07 -13.96 0.37
C ARG A 44 -1.35 -14.01 -0.21
N LEU A 45 -1.50 -13.51 -1.42
CA LEU A 45 -2.80 -13.45 -2.08
C LEU A 45 -3.20 -14.73 -2.83
N ALA A 46 -2.22 -15.43 -3.39
CA ALA A 46 -2.48 -16.64 -4.18
C ALA A 46 -3.55 -17.59 -3.63
N PRO A 47 -3.41 -18.02 -2.36
CA PRO A 47 -4.39 -18.95 -1.76
C PRO A 47 -5.83 -18.44 -1.74
N LEU A 48 -5.99 -17.12 -1.71
CA LEU A 48 -7.33 -16.55 -1.67
C LEU A 48 -7.86 -16.22 -3.06
N VAL A 49 -7.05 -15.58 -3.88
CA VAL A 49 -7.45 -15.23 -5.25
C VAL A 49 -6.39 -15.74 -6.21
N PRO A 50 -6.77 -16.65 -7.12
CA PRO A 50 -5.79 -17.18 -8.06
C PRO A 50 -5.14 -16.13 -8.96
N PRO A 51 -3.94 -16.42 -9.46
CA PRO A 51 -3.20 -15.51 -10.33
C PRO A 51 -4.00 -15.13 -11.58
N GLU A 52 -4.69 -16.13 -12.15
CA GLU A 52 -5.49 -15.85 -13.34
C GLU A 52 -6.47 -14.70 -13.13
N ARG A 53 -7.01 -14.61 -11.89
CA ARG A 53 -8.00 -13.57 -11.61
C ARG A 53 -7.38 -12.36 -10.89
N THR A 54 -6.05 -12.22 -11.04
CA THR A 54 -5.36 -11.11 -10.39
C THR A 54 -4.84 -10.09 -11.41
N LEU A 55 -5.08 -8.81 -11.13
CA LEU A 55 -4.64 -7.74 -12.03
C LEU A 55 -3.56 -6.92 -11.33
N LEU A 56 -2.40 -6.79 -11.98
CA LEU A 56 -1.31 -6.03 -11.42
C LEU A 56 -1.16 -4.69 -12.12
N ALA A 57 -1.60 -3.62 -11.46
CA ALA A 57 -1.52 -2.28 -12.02
C ALA A 57 -0.17 -1.61 -11.72
N VAL A 58 0.51 -1.20 -12.78
CA VAL A 58 1.79 -0.49 -12.72
C VAL A 58 1.90 0.53 -13.85
N ARG A 59 2.82 1.49 -13.66
CA ARG A 59 3.02 2.51 -14.69
C ARG A 59 3.53 1.88 -15.98
N ARG A 60 3.20 2.56 -17.10
CA ARG A 60 3.60 2.07 -18.40
C ARG A 60 5.12 1.96 -18.53
N ASP A 61 5.83 2.94 -17.93
CA ASP A 61 7.28 2.93 -18.07
C ASP A 61 7.95 1.91 -17.14
N GLN A 62 7.12 1.21 -16.34
CA GLN A 62 7.67 0.23 -15.40
C GLN A 62 7.39 -1.21 -15.82
N GLU A 63 6.90 -1.37 -17.07
CA GLU A 63 6.56 -2.70 -17.53
C GLU A 63 7.73 -3.67 -17.40
N ALA A 64 8.94 -3.15 -17.66
CA ALA A 64 10.11 -4.02 -17.66
C ALA A 64 10.29 -4.75 -16.32
N VAL A 65 10.39 -4.00 -15.24
CA VAL A 65 10.62 -4.57 -13.91
C VAL A 65 9.40 -5.37 -13.41
N ALA A 66 8.22 -5.05 -13.95
CA ALA A 66 7.02 -5.71 -13.46
C ALA A 66 6.71 -7.02 -14.20
N ARG A 67 7.15 -7.09 -15.48
CA ARG A 67 6.71 -8.21 -16.31
C ARG A 67 7.01 -9.58 -15.70
N PRO A 68 8.23 -9.77 -15.14
CA PRO A 68 8.59 -11.02 -14.49
C PRO A 68 7.52 -11.51 -13.48
N TYR A 69 6.74 -10.56 -12.93
CA TYR A 69 5.70 -10.94 -11.98
C TYR A 69 4.43 -11.46 -12.67
N ALA A 70 4.25 -11.07 -13.94
CA ALA A 70 3.03 -11.43 -14.67
C ALA A 70 2.99 -12.90 -15.09
N ASP A 71 2.95 -13.78 -14.10
CA ASP A 71 2.87 -15.22 -14.36
C ASP A 71 1.44 -15.63 -14.02
N GLY A 72 0.60 -15.65 -15.05
CA GLY A 72 -0.84 -15.89 -14.92
C GLY A 72 -1.54 -14.60 -14.52
N ILE A 73 -0.81 -13.83 -13.70
CA ILE A 73 -1.27 -12.48 -13.38
C ILE A 73 -1.23 -11.59 -14.64
N ARG A 74 -2.27 -10.77 -14.76
CA ARG A 74 -2.34 -9.84 -15.88
C ARG A 74 -1.87 -8.43 -15.50
N LEU A 75 -1.06 -7.83 -16.39
CA LEU A 75 -0.60 -6.45 -16.16
C LEU A 75 -1.62 -5.42 -16.63
N LEU A 76 -1.90 -4.42 -15.81
CA LEU A 76 -2.75 -3.30 -16.21
C LEU A 76 -1.79 -2.12 -16.21
N LEU A 77 -1.35 -1.73 -17.40
CA LEU A 77 -0.41 -0.64 -17.54
C LEU A 77 -1.08 0.72 -17.52
N GLU A 78 -0.72 1.53 -16.52
CA GLU A 78 -1.25 2.88 -16.37
C GLU A 78 -0.40 3.82 -17.21
N PRO A 79 -1.01 4.45 -18.23
CA PRO A 79 -0.28 5.37 -19.11
C PRO A 79 0.33 6.58 -18.40
N LEU A 80 -0.33 7.08 -17.37
CA LEU A 80 0.12 8.19 -16.54
C LEU A 80 -0.19 7.92 -15.07
N GLY A 81 0.44 8.72 -14.20
CA GLY A 81 0.10 8.62 -12.79
C GLY A 81 -1.19 9.37 -12.46
N ARG A 82 -2.21 8.59 -12.08
CA ARG A 82 -3.48 9.18 -11.67
C ARG A 82 -3.94 8.68 -10.29
N ASP A 83 -2.94 8.26 -9.48
CA ASP A 83 -3.27 7.79 -8.14
C ASP A 83 -4.03 6.46 -8.16
N THR A 84 -4.60 6.12 -6.98
CA THR A 84 -5.33 4.86 -6.88
C THR A 84 -6.73 4.95 -7.50
N ALA A 85 -7.35 6.15 -7.51
CA ALA A 85 -8.67 6.23 -8.11
C ALA A 85 -8.64 5.84 -9.59
N GLY A 86 -7.51 6.24 -10.22
CA GLY A 86 -7.30 5.88 -11.61
C GLY A 86 -7.03 4.37 -11.75
N ALA A 87 -6.19 3.81 -10.88
CA ALA A 87 -5.94 2.38 -10.92
C ALA A 87 -7.23 1.60 -10.64
N VAL A 88 -8.02 2.08 -9.68
CA VAL A 88 -9.27 1.40 -9.34
C VAL A 88 -10.23 1.43 -10.54
N LEU A 89 -10.24 2.55 -11.26
CA LEU A 89 -11.08 2.69 -12.45
C LEU A 89 -10.77 1.55 -13.42
N LEU A 90 -9.49 1.35 -13.70
CA LEU A 90 -9.08 0.30 -14.63
C LEU A 90 -9.47 -1.09 -14.12
N GLY A 91 -9.29 -1.28 -12.80
CA GLY A 91 -9.62 -2.57 -12.22
C GLY A 91 -11.10 -2.88 -12.37
N VAL A 92 -11.93 -1.84 -12.16
CA VAL A 92 -13.37 -2.04 -12.26
C VAL A 92 -13.78 -2.39 -13.69
N ALA A 93 -13.17 -1.66 -14.65
CA ALA A 93 -13.47 -1.93 -16.05
C ALA A 93 -13.26 -3.40 -16.40
N GLU A 94 -12.13 -3.95 -15.94
CA GLU A 94 -11.82 -5.34 -16.23
C GLU A 94 -12.79 -6.29 -15.52
N ALA A 95 -12.99 -6.04 -14.22
CA ALA A 95 -13.90 -6.89 -13.44
C ALA A 95 -15.28 -6.98 -14.09
N LEU A 96 -15.78 -5.81 -14.53
CA LEU A 96 -17.12 -5.77 -15.11
C LEU A 96 -17.25 -6.70 -16.32
N LYS A 97 -16.40 -6.47 -17.32
CA LYS A 97 -16.51 -7.27 -18.54
C LYS A 97 -15.96 -8.69 -18.36
N GLU A 98 -15.29 -8.90 -17.20
CA GLU A 98 -14.89 -10.25 -16.86
C GLU A 98 -16.04 -10.98 -16.13
N GLY A 99 -17.03 -10.18 -15.71
CA GLY A 99 -18.21 -10.76 -15.07
C GLY A 99 -17.96 -11.05 -13.59
N ALA A 100 -16.99 -10.32 -13.01
CA ALA A 100 -16.64 -10.57 -11.62
C ALA A 100 -17.74 -10.10 -10.67
N GLU A 101 -17.97 -10.88 -9.62
CA GLU A 101 -18.98 -10.57 -8.62
C GLU A 101 -18.37 -9.77 -7.48
N ARG A 102 -17.05 -9.85 -7.37
CA ARG A 102 -16.33 -9.15 -6.32
C ARG A 102 -14.97 -8.67 -6.81
N LEU A 103 -14.58 -7.49 -6.35
CA LEU A 103 -13.27 -6.97 -6.69
C LEU A 103 -12.56 -6.57 -5.40
N LEU A 104 -11.36 -7.09 -5.24
CA LEU A 104 -10.55 -6.82 -4.07
C LEU A 104 -9.46 -5.85 -4.53
N VAL A 105 -9.26 -4.76 -3.79
CA VAL A 105 -8.24 -3.78 -4.16
C VAL A 105 -7.20 -3.69 -3.06
N LEU A 106 -5.94 -3.90 -3.41
CA LEU A 106 -4.89 -3.83 -2.40
C LEU A 106 -3.55 -3.28 -2.88
N PRO A 107 -2.83 -2.59 -1.99
CA PRO A 107 -1.49 -2.07 -2.25
C PRO A 107 -0.44 -3.18 -2.18
N ALA A 108 0.63 -2.99 -2.97
CA ALA A 108 1.67 -4.01 -3.02
C ALA A 108 2.92 -3.56 -2.26
N ASP A 109 2.83 -2.35 -1.68
CA ASP A 109 4.00 -1.82 -0.99
C ASP A 109 3.81 -1.76 0.53
N HIS A 110 3.04 -2.73 1.05
CA HIS A 110 2.84 -2.79 2.50
C HIS A 110 3.45 -4.07 3.10
N TYR A 111 3.76 -4.00 4.41
CA TYR A 111 4.24 -5.19 5.10
C TYR A 111 3.13 -5.83 5.93
N VAL A 112 3.03 -7.16 5.83
CA VAL A 112 2.04 -7.93 6.56
C VAL A 112 2.82 -9.06 7.22
N GLY A 113 2.64 -9.24 8.53
CA GLY A 113 3.38 -10.27 9.22
C GLY A 113 2.65 -11.57 9.50
N ASP A 114 1.46 -11.75 8.93
CA ASP A 114 0.69 -12.98 9.14
C ASP A 114 -0.20 -13.20 7.93
N ASP A 115 0.32 -13.92 6.94
CA ASP A 115 -0.40 -14.17 5.70
C ASP A 115 -1.77 -14.81 5.90
N GLU A 116 -1.86 -15.80 6.79
CA GLU A 116 -3.12 -16.46 7.03
C GLU A 116 -4.15 -15.50 7.62
N ALA A 117 -3.75 -14.76 8.64
CA ALA A 117 -4.67 -13.81 9.26
C ALA A 117 -5.05 -12.73 8.24
N TYR A 118 -4.14 -12.44 7.33
CA TYR A 118 -4.38 -11.44 6.30
C TYR A 118 -5.47 -11.95 5.36
N ARG A 119 -5.33 -13.20 4.92
CA ARG A 119 -6.33 -13.79 4.04
C ARG A 119 -7.68 -13.90 4.73
N GLU A 120 -7.68 -14.30 6.00
CA GLU A 120 -8.93 -14.43 6.73
C GLU A 120 -9.66 -13.09 6.79
N ALA A 121 -8.90 -12.00 6.95
CA ALA A 121 -9.50 -10.66 6.99
C ALA A 121 -10.11 -10.32 5.63
N LEU A 122 -9.39 -10.63 4.56
CA LEU A 122 -9.88 -10.35 3.21
C LEU A 122 -11.11 -11.19 2.88
N ALA A 123 -11.09 -12.46 3.30
CA ALA A 123 -12.23 -13.34 3.06
C ALA A 123 -13.46 -12.73 3.69
N THR A 124 -13.29 -12.22 4.91
CA THR A 124 -14.40 -11.60 5.63
C THR A 124 -14.87 -10.33 4.94
N MET A 125 -13.95 -9.61 4.30
CA MET A 125 -14.31 -8.38 3.61
C MET A 125 -15.17 -8.71 2.39
N LEU A 126 -14.83 -9.79 1.70
CA LEU A 126 -15.59 -10.21 0.53
C LEU A 126 -17.05 -10.49 0.93
N GLU A 127 -17.24 -11.17 2.06
CA GLU A 127 -18.56 -11.51 2.55
C GLU A 127 -19.35 -10.27 2.96
N ALA A 128 -18.65 -9.33 3.61
CA ALA A 128 -19.31 -8.13 4.10
C ALA A 128 -19.68 -7.20 2.95
N ALA A 129 -19.14 -7.53 1.76
CA ALA A 129 -19.40 -6.71 0.59
C ALA A 129 -20.71 -7.10 -0.10
N GLU A 130 -21.82 -6.96 0.66
CA GLU A 130 -23.13 -7.22 0.07
C GLU A 130 -23.56 -6.07 -0.83
N GLU A 131 -24.85 -6.12 -1.25
CA GLU A 131 -25.34 -5.07 -2.14
C GLU A 131 -25.26 -3.69 -1.49
N GLY A 132 -24.44 -2.81 -2.11
CA GLY A 132 -24.45 -1.41 -1.72
C GLY A 132 -23.19 -1.06 -0.93
N PHE A 133 -22.67 -2.06 -0.21
CA PHE A 133 -21.58 -1.78 0.73
C PHE A 133 -20.20 -1.80 0.05
N VAL A 134 -19.42 -0.77 0.43
CA VAL A 134 -17.99 -0.83 0.20
C VAL A 134 -17.27 -1.21 1.49
N VAL A 135 -16.34 -2.16 1.46
CA VAL A 135 -15.68 -2.62 2.68
C VAL A 135 -14.21 -2.20 2.76
N ALA A 136 -13.79 -1.74 3.93
CA ALA A 136 -12.41 -1.32 4.15
C ALA A 136 -11.74 -2.15 5.23
N LEU A 137 -10.41 -2.12 5.24
CA LEU A 137 -9.60 -2.85 6.21
C LEU A 137 -9.07 -1.87 7.23
N GLY A 138 -9.28 -2.19 8.50
CA GLY A 138 -8.80 -1.34 9.58
C GLY A 138 -7.80 -2.07 10.46
N LEU A 139 -6.94 -1.31 11.13
CA LEU A 139 -5.94 -1.89 12.01
C LEU A 139 -5.81 -1.03 13.26
N ARG A 140 -5.79 -1.68 14.42
CA ARG A 140 -5.65 -0.99 15.69
C ARG A 140 -4.30 -0.27 15.66
N PRO A 141 -4.30 1.06 15.87
CA PRO A 141 -3.06 1.85 15.86
C PRO A 141 -2.13 1.51 17.03
N THR A 142 -0.82 1.48 16.77
CA THR A 142 0.14 1.18 17.81
C THR A 142 0.91 2.44 18.18
N ARG A 143 0.67 3.51 17.42
CA ARG A 143 1.33 4.79 17.64
C ARG A 143 0.56 5.90 16.93
N PRO A 144 0.69 7.15 17.39
CA PRO A 144 -0.02 8.29 16.79
C PRO A 144 0.63 8.64 15.45
N GLU A 145 0.51 7.75 14.47
CA GLU A 145 1.09 7.98 13.16
C GLU A 145 0.35 9.12 12.46
N THR A 146 1.12 10.12 12.01
CA THR A 146 0.54 11.29 11.34
C THR A 146 0.45 11.16 9.82
N GLU A 147 1.10 10.16 9.24
CA GLU A 147 1.07 9.98 7.80
C GLU A 147 -0.01 9.02 7.30
N TYR A 148 -0.71 8.40 8.23
CA TYR A 148 -1.76 7.46 7.83
C TYR A 148 -3.14 8.10 7.87
N GLY A 149 -4.07 7.45 7.20
CA GLY A 149 -5.45 7.90 7.23
C GLY A 149 -6.08 7.02 8.31
N TYR A 150 -7.13 7.52 8.94
CA TYR A 150 -7.82 6.77 9.98
C TYR A 150 -9.28 6.59 9.60
N ILE A 151 -9.96 5.65 10.28
CA ILE A 151 -11.36 5.38 10.02
C ILE A 151 -12.16 5.37 11.33
N ARG A 152 -13.33 6.02 11.32
CA ARG A 152 -14.19 6.05 12.50
C ARG A 152 -15.02 4.79 12.48
N LEU A 153 -15.10 4.08 13.60
CA LEU A 153 -15.89 2.87 13.66
C LEU A 153 -17.21 3.04 14.38
N GLY A 154 -18.26 2.48 13.81
CA GLY A 154 -19.57 2.54 14.44
C GLY A 154 -19.72 1.24 15.20
N PRO A 155 -20.93 0.85 15.61
CA PRO A 155 -21.09 -0.41 16.35
C PRO A 155 -20.73 -1.64 15.51
N ARG A 156 -20.34 -2.72 16.19
CA ARG A 156 -19.98 -3.96 15.52
C ARG A 156 -21.21 -4.75 15.08
N GLU A 157 -21.16 -5.27 13.87
CA GLU A 157 -22.24 -6.07 13.30
C GLU A 157 -21.67 -7.42 12.88
N GLY A 158 -21.57 -8.34 13.83
CA GLY A 158 -21.02 -9.64 13.52
C GLY A 158 -19.51 -9.59 13.32
N ALA A 159 -19.04 -10.01 12.15
CA ALA A 159 -17.61 -10.03 11.86
C ALA A 159 -17.01 -8.69 11.43
N TRP A 160 -17.83 -7.65 11.35
CA TRP A 160 -17.31 -6.35 10.93
C TRP A 160 -17.98 -5.19 11.68
N TYR A 161 -17.46 -3.99 11.39
CA TYR A 161 -17.98 -2.77 11.98
C TYR A 161 -18.67 -1.91 10.92
N ARG A 162 -19.59 -1.03 11.37
CA ARG A 162 -20.06 -0.08 10.38
C ARG A 162 -19.11 1.10 10.26
N GLY A 163 -18.56 1.29 9.06
CA GLY A 163 -17.70 2.46 8.83
C GLY A 163 -18.49 3.75 9.11
N GLU A 164 -17.84 4.66 9.86
CA GLU A 164 -18.55 5.87 10.24
C GLU A 164 -17.76 7.14 9.93
N GLY A 165 -16.77 7.03 9.02
CA GLY A 165 -16.05 8.24 8.61
C GLY A 165 -14.56 7.98 8.34
N PHE A 166 -14.08 8.76 7.34
CA PHE A 166 -12.69 8.68 6.93
C PHE A 166 -11.98 10.02 7.15
N VAL A 167 -10.88 9.97 7.91
CA VAL A 167 -10.11 11.18 8.15
C VAL A 167 -8.70 11.07 7.58
N GLU A 168 -8.29 12.14 6.87
CA GLU A 168 -6.93 12.14 6.34
C GLU A 168 -5.89 12.33 7.44
N LYS A 169 -4.61 12.14 7.05
CA LYS A 169 -3.54 12.20 8.03
C LYS A 169 -3.65 13.46 8.91
N PRO A 170 -3.69 13.22 10.24
CA PRO A 170 -3.84 14.29 11.21
C PRO A 170 -2.49 14.78 11.74
N SER A 171 -2.57 15.74 12.66
CA SER A 171 -1.36 16.20 13.33
C SER A 171 -1.00 15.24 14.47
N TYR A 172 0.19 15.41 15.10
CA TYR A 172 0.57 14.45 16.15
C TYR A 172 -0.52 14.37 17.24
N ALA A 173 -0.90 15.57 17.76
CA ALA A 173 -1.87 15.60 18.83
C ALA A 173 -3.25 15.07 18.40
N GLU A 174 -3.61 15.38 17.13
CA GLU A 174 -4.89 14.91 16.62
C GLU A 174 -4.92 13.38 16.49
N ALA A 175 -3.77 12.82 16.10
CA ALA A 175 -3.69 11.37 16.00
C ALA A 175 -3.94 10.69 17.35
N LEU A 176 -3.34 11.28 18.41
CA LEU A 176 -3.57 10.77 19.75
C LEU A 176 -5.06 10.74 20.09
N GLU A 177 -5.75 11.85 19.72
CA GLU A 177 -7.19 11.93 20.01
C GLU A 177 -7.97 10.87 19.23
N TYR A 178 -7.56 10.67 17.95
CA TYR A 178 -8.21 9.64 17.13
C TYR A 178 -8.15 8.29 17.85
N ILE A 179 -6.95 7.99 18.38
CA ILE A 179 -6.76 6.72 19.06
C ILE A 179 -7.63 6.59 20.32
N ARG A 180 -7.64 7.66 21.13
CA ARG A 180 -8.48 7.63 22.33
C ARG A 180 -9.94 7.32 21.99
N LYS A 181 -10.40 7.91 20.86
CA LYS A 181 -11.81 7.76 20.47
C LYS A 181 -12.11 6.43 19.76
N GLY A 182 -11.06 5.60 19.59
CA GLY A 182 -11.36 4.29 19.02
C GLY A 182 -11.17 4.24 17.50
N TYR A 183 -10.50 5.28 16.96
CA TYR A 183 -10.21 5.31 15.54
C TYR A 183 -9.18 4.24 15.15
N VAL A 184 -9.32 3.69 13.93
CA VAL A 184 -8.34 2.71 13.47
C VAL A 184 -7.65 3.15 12.17
N TRP A 185 -6.47 2.55 11.89
CA TRP A 185 -5.72 2.90 10.69
C TRP A 185 -6.42 2.35 9.43
N ASN A 186 -6.46 3.19 8.38
CA ASN A 186 -6.93 2.73 7.07
C ASN A 186 -5.86 1.84 6.42
N GLY A 187 -6.22 0.56 6.21
CA GLY A 187 -5.23 -0.39 5.75
C GLY A 187 -5.00 -0.33 4.23
N GLY A 188 -5.84 0.47 3.53
CA GLY A 188 -5.51 0.59 2.11
C GLY A 188 -6.12 -0.54 1.27
N VAL A 189 -6.90 -1.40 1.94
CA VAL A 189 -7.53 -2.52 1.21
C VAL A 189 -9.05 -2.37 1.16
N PHE A 190 -9.61 -2.72 -0.01
CA PHE A 190 -11.05 -2.55 -0.20
C PHE A 190 -11.69 -3.74 -0.92
N ALA A 191 -12.97 -3.96 -0.60
CA ALA A 191 -13.71 -5.04 -1.23
C ALA A 191 -15.14 -4.62 -1.56
N PHE A 192 -15.51 -4.81 -2.83
CA PHE A 192 -16.85 -4.44 -3.27
C PHE A 192 -17.21 -5.12 -4.59
N ALA A 193 -18.53 -5.24 -4.83
CA ALA A 193 -18.95 -5.62 -6.16
C ALA A 193 -18.66 -4.49 -7.14
N PRO A 194 -18.15 -4.85 -8.33
CA PRO A 194 -17.81 -3.86 -9.34
C PRO A 194 -18.90 -2.80 -9.52
N ALA A 195 -20.17 -3.27 -9.55
CA ALA A 195 -21.26 -2.33 -9.76
C ALA A 195 -21.35 -1.25 -8.67
N THR A 196 -21.14 -1.67 -7.40
CA THR A 196 -21.23 -0.69 -6.32
C THR A 196 -20.20 0.43 -6.45
N MET A 197 -19.01 0.09 -7.00
CA MET A 197 -18.03 1.15 -7.22
C MET A 197 -18.42 2.02 -8.42
N ALA A 198 -18.98 1.36 -9.46
CA ALA A 198 -19.46 2.13 -10.59
C ALA A 198 -20.45 3.19 -10.14
N GLU A 199 -21.40 2.75 -9.28
CA GLU A 199 -22.40 3.68 -8.77
C GLU A 199 -21.76 4.77 -7.91
N LEU A 200 -20.72 4.38 -7.15
CA LEU A 200 -20.02 5.39 -6.35
C LEU A 200 -19.35 6.45 -7.23
N PHE A 201 -18.75 5.97 -8.35
CA PHE A 201 -18.16 6.93 -9.29
C PHE A 201 -19.22 7.93 -9.76
N ARG A 202 -20.39 7.37 -10.14
CA ARG A 202 -21.48 8.20 -10.64
C ARG A 202 -21.89 9.30 -9.65
N ARG A 203 -21.92 8.93 -8.35
CA ARG A 203 -22.41 9.87 -7.33
C ARG A 203 -21.36 10.90 -6.90
N HIS A 204 -20.11 10.44 -6.63
CA HIS A 204 -19.11 11.37 -6.07
C HIS A 204 -17.90 11.66 -6.98
N LEU A 205 -17.81 10.94 -8.12
CA LEU A 205 -16.62 11.13 -8.97
C LEU A 205 -16.94 11.02 -10.47
N PRO A 206 -17.74 12.01 -10.92
CA PRO A 206 -18.24 12.07 -12.29
C PRO A 206 -17.19 11.81 -13.38
N SER A 207 -16.00 12.39 -13.18
CA SER A 207 -14.93 12.20 -14.15
C SER A 207 -14.63 10.71 -14.39
N HIS A 208 -14.64 9.94 -13.28
CA HIS A 208 -14.31 8.52 -13.38
C HIS A 208 -15.50 7.68 -13.87
N HIS A 209 -16.72 8.12 -13.50
CA HIS A 209 -17.90 7.39 -13.99
C HIS A 209 -18.00 7.49 -15.52
N GLU A 210 -17.79 8.73 -16.01
CA GLU A 210 -17.80 8.96 -17.45
C GLU A 210 -16.66 8.20 -18.14
N ALA A 211 -15.47 8.29 -17.50
CA ALA A 211 -14.33 7.58 -18.06
C ALA A 211 -14.60 6.07 -18.14
N LEU A 212 -15.18 5.54 -17.05
CA LEU A 212 -15.49 4.11 -17.01
C LEU A 212 -16.45 3.70 -18.13
N GLU A 213 -17.49 4.53 -18.34
CA GLU A 213 -18.45 4.22 -19.41
C GLU A 213 -17.75 4.19 -20.79
N ARG A 214 -16.90 5.20 -21.02
CA ARG A 214 -16.27 5.30 -22.33
C ARG A 214 -15.26 4.17 -22.57
N LEU A 215 -14.58 3.77 -21.48
CA LEU A 215 -13.61 2.69 -21.62
C LEU A 215 -14.28 1.39 -22.07
N LEU A 216 -15.37 1.05 -21.37
CA LEU A 216 -16.13 -0.15 -21.74
C LEU A 216 -16.69 -0.03 -23.17
N ALA A 217 -16.88 1.24 -23.59
CA ALA A 217 -17.50 1.47 -24.90
C ALA A 217 -16.46 1.67 -26.00
N GLY A 218 -15.19 1.32 -25.69
CA GLY A 218 -14.18 1.27 -26.74
C GLY A 218 -13.24 2.48 -26.79
N ALA A 219 -13.36 3.40 -25.81
CA ALA A 219 -12.46 4.57 -25.83
C ALA A 219 -10.99 4.18 -25.61
N SER A 220 -10.07 5.05 -26.06
CA SER A 220 -8.63 4.78 -25.91
C SER A 220 -8.17 5.08 -24.48
N LEU A 221 -7.50 4.07 -23.89
CA LEU A 221 -6.97 4.21 -22.53
C LEU A 221 -6.12 5.47 -22.38
N GLU A 222 -5.19 5.65 -23.34
CA GLU A 222 -4.32 6.81 -23.29
C GLU A 222 -5.13 8.11 -23.26
N GLU A 223 -6.08 8.22 -24.21
CA GLU A 223 -6.91 9.42 -24.27
C GLU A 223 -7.66 9.65 -22.96
N VAL A 224 -8.40 8.58 -22.58
CA VAL A 224 -9.20 8.67 -21.35
C VAL A 224 -8.36 9.08 -20.13
N TYR A 225 -7.24 8.34 -19.93
CA TYR A 225 -6.42 8.59 -18.74
C TYR A 225 -5.86 10.02 -18.70
N ALA A 226 -5.46 10.53 -19.88
CA ALA A 226 -4.84 11.86 -19.91
C ALA A 226 -5.77 12.95 -19.36
N GLY A 227 -7.07 12.83 -19.69
CA GLY A 227 -8.02 13.86 -19.27
C GLY A 227 -8.63 13.61 -17.88
N LEU A 228 -8.15 12.54 -17.22
CA LEU A 228 -8.64 12.19 -15.90
C LEU A 228 -7.88 12.97 -14.82
N PRO A 229 -8.62 13.46 -13.81
CA PRO A 229 -8.00 14.16 -12.67
C PRO A 229 -7.28 13.18 -11.74
N LYS A 230 -6.10 13.61 -11.22
CA LYS A 230 -5.35 12.77 -10.30
C LYS A 230 -5.92 12.84 -8.88
N ILE A 231 -6.48 11.71 -8.42
CA ILE A 231 -7.05 11.67 -7.07
C ILE A 231 -7.01 10.25 -6.51
N SER A 232 -6.81 10.17 -5.17
CA SER A 232 -6.84 8.86 -4.52
C SER A 232 -8.27 8.35 -4.40
N ILE A 233 -8.40 7.02 -4.28
CA ILE A 233 -9.73 6.46 -4.14
C ILE A 233 -10.31 6.78 -2.76
N ASP A 234 -9.39 6.96 -1.79
CA ASP A 234 -9.81 7.28 -0.43
C ASP A 234 -10.53 8.63 -0.37
N TYR A 235 -9.90 9.64 -1.03
CA TYR A 235 -10.46 10.98 -0.98
C TYR A 235 -11.60 11.16 -1.99
N GLY A 236 -11.40 10.54 -3.18
CA GLY A 236 -12.37 10.73 -4.25
C GLY A 236 -13.69 9.98 -4.00
N VAL A 237 -13.58 8.84 -3.30
CA VAL A 237 -14.76 8.01 -3.13
C VAL A 237 -15.03 7.64 -1.66
N MET A 238 -14.03 7.01 -1.05
CA MET A 238 -14.24 6.43 0.27
C MET A 238 -14.77 7.44 1.30
N GLU A 239 -14.14 8.62 1.34
CA GLU A 239 -14.50 9.61 2.34
C GLU A 239 -15.93 10.14 2.15
N LYS A 240 -16.50 9.84 0.97
CA LYS A 240 -17.85 10.31 0.69
C LYS A 240 -18.89 9.18 0.69
N ALA A 241 -18.38 7.93 0.67
CA ALA A 241 -19.28 6.77 0.62
C ALA A 241 -20.18 6.66 1.85
N GLU A 242 -21.49 6.42 1.58
CA GLU A 242 -22.50 6.39 2.65
C GLU A 242 -22.67 5.00 3.29
N ARG A 243 -22.46 3.93 2.48
CA ARG A 243 -22.60 2.58 3.01
C ARG A 243 -21.25 1.85 3.10
N VAL A 244 -20.54 2.03 4.23
CA VAL A 244 -19.22 1.46 4.40
C VAL A 244 -19.15 0.49 5.58
N ARG A 245 -18.49 -0.66 5.33
CA ARG A 245 -18.23 -1.60 6.41
C ARG A 245 -16.72 -1.77 6.61
N VAL A 246 -16.33 -2.08 7.87
CA VAL A 246 -14.90 -2.22 8.15
C VAL A 246 -14.60 -3.53 8.89
N VAL A 247 -13.59 -4.23 8.37
CA VAL A 247 -13.03 -5.42 8.99
C VAL A 247 -11.68 -5.12 9.65
N LEU A 248 -11.58 -5.51 10.93
CA LEU A 248 -10.34 -5.27 11.66
C LEU A 248 -9.33 -6.41 11.47
N GLY A 249 -8.20 -6.07 10.85
CA GLY A 249 -7.12 -7.04 10.72
C GLY A 249 -6.22 -7.03 11.96
N ARG A 250 -5.86 -8.23 12.44
CA ARG A 250 -5.08 -8.31 13.67
C ARG A 250 -3.66 -8.80 13.42
N PHE A 251 -3.27 -8.87 12.13
CA PHE A 251 -1.88 -9.13 11.81
C PHE A 251 -1.02 -7.86 11.86
N PRO A 252 0.29 -8.07 12.10
CA PRO A 252 1.24 -6.98 12.04
C PRO A 252 1.22 -6.30 10.68
N TRP A 253 1.23 -4.95 10.71
CA TRP A 253 1.08 -4.23 9.45
C TRP A 253 1.78 -2.86 9.48
N ASP A 254 2.54 -2.60 8.40
CA ASP A 254 3.20 -1.31 8.25
C ASP A 254 3.25 -0.90 6.77
N ASP A 255 3.07 0.41 6.52
CA ASP A 255 3.09 0.84 5.13
C ASP A 255 4.53 0.91 4.59
N VAL A 256 5.50 0.80 5.52
CA VAL A 256 6.91 0.88 5.13
C VAL A 256 7.25 2.17 4.39
N GLY A 257 6.78 3.31 4.95
CA GLY A 257 6.93 4.58 4.26
C GLY A 257 8.37 5.11 4.31
N ASN A 258 9.11 4.82 5.37
CA ASN A 258 10.50 5.28 5.48
C ASN A 258 11.39 4.24 6.17
N TRP A 259 12.71 4.55 6.17
CA TRP A 259 13.67 3.59 6.70
C TRP A 259 13.35 3.16 8.14
N ARG A 260 12.76 4.09 8.91
CA ARG A 260 12.45 3.76 10.29
C ARG A 260 11.44 2.62 10.39
N ALA A 261 10.65 2.45 9.30
CA ALA A 261 9.64 1.40 9.29
C ALA A 261 10.26 0.02 9.49
N LEU A 262 11.53 -0.10 9.06
CA LEU A 262 12.21 -1.38 9.22
C LEU A 262 12.26 -1.81 10.68
N GLU A 263 12.49 -0.82 11.55
CA GLU A 263 12.57 -1.11 12.97
C GLU A 263 11.19 -1.54 13.48
N ARG A 264 10.16 -0.78 13.10
CA ARG A 264 8.80 -1.09 13.52
C ARG A 264 8.41 -2.49 13.06
N VAL A 265 8.72 -2.79 11.80
CA VAL A 265 8.37 -4.09 11.26
C VAL A 265 9.05 -5.22 12.03
N PHE A 266 10.31 -5.03 12.43
CA PHE A 266 10.97 -6.12 13.15
C PHE A 266 10.24 -6.44 14.47
N SER A 267 9.73 -5.38 15.12
CA SER A 267 8.94 -5.55 16.34
C SER A 267 9.72 -6.27 17.45
N GLN A 268 10.97 -5.83 17.63
CA GLN A 268 11.77 -6.37 18.72
C GLN A 268 12.09 -5.29 19.77
N ASP A 269 13.03 -5.55 20.67
CA ASP A 269 13.42 -4.51 21.63
C ASP A 269 14.04 -3.38 20.80
N PRO A 270 13.55 -2.14 21.01
CA PRO A 270 14.06 -0.96 20.28
C PRO A 270 15.57 -0.82 20.25
N HIS A 271 16.20 -0.97 21.42
CA HIS A 271 17.65 -0.82 21.53
C HIS A 271 18.47 -1.83 20.71
N GLU A 272 17.84 -2.92 20.26
CA GLU A 272 18.56 -3.91 19.44
C GLU A 272 18.68 -3.34 18.03
N ASN A 273 19.72 -3.73 17.29
CA ASN A 273 19.90 -3.23 15.94
C ASN A 273 19.08 -4.03 14.93
N VAL A 274 18.69 -3.38 13.84
CA VAL A 274 17.90 -4.01 12.79
C VAL A 274 18.74 -4.02 11.52
N VAL A 275 18.94 -5.21 10.97
CA VAL A 275 19.76 -5.35 9.77
C VAL A 275 19.05 -6.06 8.62
N LEU A 276 19.16 -5.50 7.43
CA LEU A 276 18.59 -6.11 6.23
C LEU A 276 19.62 -6.03 5.11
N GLY A 277 19.39 -6.80 4.06
CA GLY A 277 20.34 -6.82 2.95
C GLY A 277 21.18 -8.07 3.08
N GLU A 278 22.00 -8.34 2.07
CA GLU A 278 22.84 -9.53 2.10
C GLU A 278 24.22 -9.23 2.68
N GLY A 279 24.52 -7.94 2.84
CA GLY A 279 25.80 -7.55 3.42
C GLY A 279 25.89 -7.87 4.89
N ARG A 280 27.03 -7.58 5.50
CA ARG A 280 27.27 -7.86 6.93
C ARG A 280 27.39 -6.60 7.78
N HIS A 281 26.79 -6.65 8.97
CA HIS A 281 26.85 -5.51 9.89
C HIS A 281 27.82 -5.78 11.04
N VAL A 282 28.87 -4.98 11.11
CA VAL A 282 29.84 -5.12 12.19
C VAL A 282 29.42 -4.05 13.19
N ALA A 283 28.89 -4.48 14.32
CA ALA A 283 28.41 -3.52 15.31
C ALA A 283 29.28 -3.50 16.59
N LEU A 284 29.84 -2.30 16.86
CA LEU A 284 30.68 -2.13 18.05
C LEU A 284 30.16 -1.00 18.94
N ASP A 285 29.57 -1.38 20.09
CA ASP A 285 28.99 -0.35 20.95
C ASP A 285 27.92 0.44 20.19
N THR A 286 27.09 -0.30 19.44
CA THR A 286 26.06 0.34 18.65
C THR A 286 24.67 -0.08 19.11
N PHE A 287 23.75 0.88 19.24
CA PHE A 287 22.40 0.57 19.72
C PHE A 287 21.31 1.28 18.92
N GLY A 288 20.10 0.73 19.00
CA GLY A 288 18.94 1.29 18.33
C GLY A 288 19.10 1.76 16.88
N CYS A 289 19.95 1.08 16.13
CA CYS A 289 20.16 1.47 14.73
C CYS A 289 19.41 0.63 13.70
N VAL A 290 19.32 1.16 12.49
CA VAL A 290 18.69 0.47 11.37
C VAL A 290 19.76 0.45 10.30
N VAL A 291 20.19 -0.73 9.92
CA VAL A 291 21.24 -0.89 8.93
C VAL A 291 20.82 -1.70 7.70
N TYR A 292 21.07 -1.16 6.52
CA TYR A 292 20.77 -1.86 5.29
C TYR A 292 22.09 -1.95 4.52
N ALA A 293 22.53 -3.17 4.25
CA ALA A 293 23.72 -3.44 3.46
C ALA A 293 23.43 -4.43 2.34
N ASP A 294 23.29 -3.89 1.12
CA ASP A 294 23.06 -4.76 -0.03
C ASP A 294 24.21 -5.76 -0.22
N ARG A 295 25.44 -5.28 0.07
CA ARG A 295 26.63 -6.10 -0.12
C ARG A 295 27.79 -5.60 0.74
N GLY A 296 28.93 -6.29 0.60
CA GLY A 296 30.11 -5.89 1.38
C GLY A 296 29.79 -5.85 2.88
N VAL A 297 30.39 -4.86 3.57
CA VAL A 297 30.24 -4.77 5.01
C VAL A 297 29.90 -3.35 5.47
N VAL A 298 29.15 -3.27 6.58
CA VAL A 298 28.84 -1.96 7.14
C VAL A 298 29.23 -1.89 8.62
N ALA A 299 30.22 -1.09 9.00
CA ALA A 299 30.68 -1.13 10.38
C ALA A 299 30.28 0.15 11.09
N THR A 300 29.66 0.00 12.25
CA THR A 300 29.24 1.12 13.04
C THR A 300 29.97 1.00 14.36
N LEU A 301 30.49 2.11 14.85
CA LEU A 301 31.26 2.14 16.07
C LEU A 301 30.80 3.29 16.97
N GLY A 302 30.27 2.93 18.13
CA GLY A 302 29.83 3.92 19.11
C GLY A 302 28.74 4.89 18.69
N VAL A 303 27.74 4.42 17.96
CA VAL A 303 26.64 5.29 17.54
C VAL A 303 25.28 4.67 17.92
N SER A 304 24.26 5.51 18.00
CA SER A 304 22.93 5.05 18.36
C SER A 304 21.83 5.78 17.60
N GLY A 305 20.72 5.10 17.39
CA GLY A 305 19.57 5.67 16.71
C GLY A 305 19.78 6.13 15.29
N LEU A 306 20.75 5.56 14.60
CA LEU A 306 21.00 5.97 13.23
C LEU A 306 20.53 4.98 12.17
N VAL A 307 20.28 5.51 10.98
CA VAL A 307 19.92 4.70 9.84
C VAL A 307 21.17 4.80 8.96
N VAL A 308 21.75 3.67 8.61
CA VAL A 308 22.91 3.64 7.73
C VAL A 308 22.47 2.68 6.64
N ALA A 309 22.28 3.20 5.42
CA ALA A 309 21.82 2.37 4.31
C ALA A 309 22.76 2.44 3.12
N LYS A 310 23.29 1.28 2.74
CA LYS A 310 24.23 1.20 1.64
C LYS A 310 23.71 0.31 0.51
N VAL A 311 23.62 0.88 -0.69
CA VAL A 311 23.18 0.14 -1.86
C VAL A 311 24.11 0.57 -2.99
N GLY A 312 24.87 -0.36 -3.53
CA GLY A 312 25.81 -0.01 -4.59
C GLY A 312 26.83 0.98 -4.06
N ASP A 313 27.03 2.07 -4.80
CA ASP A 313 27.99 3.07 -4.38
C ASP A 313 27.33 4.29 -3.75
N GLU A 314 26.18 4.07 -3.13
CA GLU A 314 25.46 5.15 -2.46
C GLU A 314 25.22 4.78 -1.01
N VAL A 315 25.50 5.73 -0.12
CA VAL A 315 25.32 5.51 1.30
C VAL A 315 24.55 6.64 1.95
N LEU A 316 23.65 6.27 2.85
CA LEU A 316 22.83 7.22 3.58
C LEU A 316 23.10 7.08 5.07
N VAL A 317 23.19 8.22 5.76
CA VAL A 317 23.38 8.22 7.20
C VAL A 317 22.48 9.31 7.74
N VAL A 318 21.46 8.93 8.52
CA VAL A 318 20.51 9.87 9.10
C VAL A 318 19.90 9.32 10.39
N PRO A 319 19.68 10.18 11.40
CA PRO A 319 19.01 9.67 12.60
C PRO A 319 17.61 9.17 12.25
N LYS A 320 17.27 8.00 12.84
CA LYS A 320 16.05 7.37 12.40
C LYS A 320 14.81 8.23 12.62
N ASP A 321 14.90 9.17 13.59
CA ASP A 321 13.73 10.03 13.81
C ASP A 321 13.51 11.02 12.66
N TRP A 322 14.58 11.25 11.86
CA TRP A 322 14.45 12.17 10.74
C TRP A 322 14.31 11.43 9.40
N ALA A 323 13.90 10.17 9.45
CA ALA A 323 13.76 9.34 8.27
C ALA A 323 12.96 9.96 7.12
N ARG A 324 11.92 10.73 7.44
CA ARG A 324 11.11 11.34 6.40
C ARG A 324 11.90 12.30 5.51
N GLU A 325 12.89 12.97 6.09
CA GLU A 325 13.70 13.93 5.36
C GLU A 325 14.63 13.34 4.30
N VAL A 326 14.72 12.02 4.24
CA VAL A 326 15.57 11.35 3.26
C VAL A 326 15.18 11.75 1.83
N ARG A 327 13.90 12.08 1.65
CA ARG A 327 13.41 12.46 0.34
C ARG A 327 14.15 13.68 -0.21
N GLU A 328 14.72 14.50 0.67
CA GLU A 328 15.44 15.67 0.24
C GLU A 328 16.70 15.30 -0.53
N VAL A 329 17.32 14.19 -0.15
CA VAL A 329 18.53 13.71 -0.81
C VAL A 329 18.33 13.61 -2.31
N VAL A 330 17.25 12.93 -2.73
CA VAL A 330 16.97 12.77 -4.16
C VAL A 330 16.76 14.14 -4.82
N LYS A 331 16.18 15.07 -4.06
CA LYS A 331 15.95 16.41 -4.55
C LYS A 331 17.30 17.06 -4.85
N ARG A 332 18.23 16.96 -3.89
CA ARG A 332 19.57 17.52 -4.05
C ARG A 332 20.27 16.93 -5.26
N LEU A 333 20.19 15.60 -5.39
CA LEU A 333 20.82 14.92 -6.50
C LEU A 333 20.23 15.35 -7.84
N GLU A 334 18.91 15.45 -7.91
CA GLU A 334 18.25 15.87 -9.14
C GLU A 334 18.75 17.26 -9.50
N ALA A 335 18.72 18.16 -8.51
CA ALA A 335 19.17 19.53 -8.69
C ALA A 335 20.59 19.60 -9.27
#